data_4ZN7
#
_entry.id   4ZN7
#
_cell.length_a   54.700
_cell.length_b   81.560
_cell.length_c   58.300
_cell.angle_alpha   90.000
_cell.angle_beta   111.040
_cell.angle_gamma   90.000
#
_symmetry.space_group_name_H-M   'P 1 21 1'
#
loop_
_entity.id
_entity.type
_entity.pdbx_description
1 polymer 'Estrogen receptor'
2 polymer 'Nuclear receptor coactivator 2'
3 non-polymer DIETHYLSTILBESTROL
4 water water
#
loop_
_entity_poly.entity_id
_entity_poly.type
_entity_poly.pdbx_seq_one_letter_code
_entity_poly.pdbx_strand_id
1 'polypeptide(L)'
;SKKNSLALSLTADQMVSALLDAEPPILYSEYDPTRPFSEASMMGLLTNLADRELVHMINWAKRVPGFVDLTLHDQVHLLE
CAWLEILMIGLVWRSMEHPGKLLFAPNLLLDRNQGKCVEGMVEIFDMLLATSSRFRMMNLQGEEFVCLKSIILLNSGVYT
FLSSTLKSLEEKDHIHRVLDKITDTLIHLMAKAGLTLQQQHQRLAQLLLILSHIRHMSNKGMEHLYSMKCKNVVPLSDLL
LEMLDAHRLHAPTSRGGAS
;
A,B
2 'polypeptide(L)' KHKILHRLLQDSS C,D
#
loop_
_chem_comp.id
_chem_comp.type
_chem_comp.name
_chem_comp.formula
DES non-polymer DIETHYLSTILBESTROL 'C18 H20 O2'
#
# COMPACT_ATOMS: atom_id res chain seq x y z
N SER A 5 -16.81 13.81 18.25
CA SER A 5 -15.44 14.28 18.05
C SER A 5 -15.43 15.72 17.55
N LEU A 6 -14.33 16.43 17.80
CA LEU A 6 -14.21 17.83 17.42
C LEU A 6 -13.81 17.98 15.95
N ALA A 7 -13.09 17.00 15.44
CA ALA A 7 -12.60 17.02 14.06
C ALA A 7 -13.72 17.09 13.03
N LEU A 8 -14.86 16.46 13.35
CA LEU A 8 -15.95 16.34 12.38
C LEU A 8 -16.68 17.66 12.24
N SER A 9 -16.59 18.51 13.26
CA SER A 9 -17.29 19.78 13.28
C SER A 9 -16.51 20.84 12.51
N LEU A 10 -15.23 20.56 12.29
CA LEU A 10 -14.35 21.47 11.57
C LEU A 10 -14.74 21.60 10.11
N THR A 11 -14.64 22.81 9.57
CA THR A 11 -14.86 23.02 8.15
C THR A 11 -13.64 22.53 7.37
N ALA A 12 -13.75 22.55 6.05
CA ALA A 12 -12.64 22.11 5.20
C ALA A 12 -11.45 23.04 5.33
N ASP A 13 -11.70 24.34 5.29
CA ASP A 13 -10.64 25.31 5.43
C ASP A 13 -10.01 25.19 6.81
N GLN A 14 -10.84 25.04 7.83
CA GLN A 14 -10.35 24.87 9.20
C GLN A 14 -9.49 23.63 9.32
N MET A 15 -9.83 22.58 8.58
CA MET A 15 -9.07 21.34 8.58
C MET A 15 -7.68 21.54 7.96
N VAL A 16 -7.63 22.25 6.84
CA VAL A 16 -6.38 22.52 6.14
C VAL A 16 -5.42 23.32 7.01
N SER A 17 -5.94 24.36 7.64
CA SER A 17 -5.13 25.21 8.50
C SER A 17 -4.62 24.42 9.70
N ALA A 18 -5.50 23.62 10.30
CA ALA A 18 -5.13 22.80 11.45
C ALA A 18 -3.98 21.87 11.10
N LEU A 19 -4.09 21.20 9.96
CA LEU A 19 -3.03 20.31 9.49
C LEU A 19 -1.76 21.09 9.16
N LEU A 20 -1.90 22.17 8.40
CA LEU A 20 -0.75 23.02 8.05
C LEU A 20 -0.01 23.52 9.28
N ASP A 21 -0.77 23.85 10.33
CA ASP A 21 -0.22 24.41 11.56
C ASP A 21 0.47 23.33 12.41
N ALA A 22 0.12 22.08 12.17
CA ALA A 22 0.66 20.97 12.96
C ALA A 22 1.98 20.47 12.38
N GLU A 23 2.30 20.92 11.17
CA GLU A 23 3.51 20.48 10.48
C GLU A 23 4.73 20.49 11.39
N PRO A 24 5.51 19.41 11.36
CA PRO A 24 6.75 19.32 12.13
C PRO A 24 7.81 20.17 11.46
N PRO A 25 8.87 20.54 12.20
CA PRO A 25 9.93 21.37 11.63
C PRO A 25 10.91 20.54 10.80
N ILE A 26 11.62 21.19 9.89
CA ILE A 26 12.65 20.50 9.11
C ILE A 26 13.96 20.50 9.89
N LEU A 27 14.33 19.33 10.38
CA LEU A 27 15.50 19.20 11.24
C LEU A 27 16.79 19.08 10.43
N TYR A 28 17.90 19.36 11.07
CA TYR A 28 19.20 19.30 10.43
C TYR A 28 19.95 18.04 10.81
N SER A 29 20.92 17.69 9.97
CA SER A 29 21.85 16.62 10.29
C SER A 29 23.12 17.23 10.87
N GLU A 30 24.14 16.41 11.04
CA GLU A 30 25.41 16.88 11.55
C GLU A 30 26.16 17.69 10.50
N TYR A 31 26.98 18.64 10.95
CA TYR A 31 27.65 19.57 10.03
C TYR A 31 29.03 19.09 9.60
N ASP A 32 29.41 17.89 10.03
CA ASP A 32 30.64 17.25 9.56
C ASP A 32 30.57 17.06 8.05
N PRO A 33 31.40 17.80 7.29
CA PRO A 33 31.33 17.81 5.83
C PRO A 33 32.24 16.79 5.16
N THR A 34 32.74 15.81 5.91
CA THR A 34 33.62 14.80 5.33
C THR A 34 32.89 13.90 4.35
N ARG A 35 33.41 13.84 3.13
CA ARG A 35 32.83 13.05 2.06
C ARG A 35 33.89 12.15 1.43
N PRO A 36 33.49 10.98 0.92
CA PRO A 36 32.12 10.46 0.95
C PRO A 36 31.76 9.83 2.29
N PHE A 37 30.53 9.32 2.38
CA PHE A 37 30.09 8.60 3.56
C PHE A 37 30.54 7.15 3.52
N SER A 38 30.71 6.57 4.69
CA SER A 38 30.82 5.12 4.82
C SER A 38 29.43 4.56 5.07
N GLU A 39 29.33 3.24 5.16
CA GLU A 39 28.05 2.62 5.48
C GLU A 39 27.62 3.02 6.88
N ALA A 40 28.51 2.81 7.84
CA ALA A 40 28.22 3.10 9.24
C ALA A 40 27.87 4.56 9.46
N SER A 41 28.60 5.46 8.80
CA SER A 41 28.34 6.89 8.99
C SER A 41 27.00 7.30 8.38
N MET A 42 26.70 6.82 7.18
CA MET A 42 25.41 7.16 6.57
C MET A 42 24.25 6.55 7.36
N MET A 43 24.39 5.28 7.75
CA MET A 43 23.43 4.63 8.63
C MET A 43 23.22 5.41 9.92
N GLY A 44 24.33 5.84 10.51
CA GLY A 44 24.28 6.62 11.74
C GLY A 44 23.52 7.91 11.55
N LEU A 45 23.77 8.60 10.45
CA LEU A 45 23.12 9.87 10.18
C LEU A 45 21.62 9.70 9.95
N LEU A 46 21.26 8.70 9.16
CA LEU A 46 19.87 8.47 8.84
C LEU A 46 19.08 8.09 10.08
N THR A 47 19.60 7.15 10.86
CA THR A 47 18.91 6.69 12.05
C THR A 47 18.85 7.77 13.12
N ASN A 48 19.92 8.56 13.23
CA ASN A 48 19.91 9.68 14.18
C ASN A 48 18.81 10.67 13.80
N LEU A 49 18.71 10.95 12.51
CA LEU A 49 17.74 11.90 12.01
C LEU A 49 16.31 11.42 12.25
N ALA A 50 16.04 10.19 11.86
CA ALA A 50 14.70 9.62 11.99
C ALA A 50 14.28 9.61 13.45
N ASP A 51 15.25 9.35 14.32
CA ASP A 51 15.04 9.37 15.76
C ASP A 51 14.48 10.69 16.25
N ARG A 52 15.09 11.77 15.78
CA ARG A 52 14.69 13.11 16.19
C ARG A 52 13.39 13.53 15.51
N GLU A 53 13.21 13.12 14.26
CA GLU A 53 11.97 13.36 13.53
C GLU A 53 10.78 12.65 14.21
N LEU A 54 11.04 11.46 14.75
CA LEU A 54 9.98 10.68 15.38
C LEU A 54 9.35 11.45 16.54
N VAL A 55 10.19 12.14 17.31
CA VAL A 55 9.69 12.90 18.45
C VAL A 55 8.72 13.98 17.98
N HIS A 56 9.12 14.74 16.96
CA HIS A 56 8.23 15.75 16.40
C HIS A 56 6.98 15.14 15.77
N MET A 57 7.13 13.97 15.15
CA MET A 57 6.01 13.30 14.51
C MET A 57 4.88 13.03 15.52
N ILE A 58 5.25 12.59 16.72
CA ILE A 58 4.25 12.34 17.76
C ILE A 58 3.51 13.61 18.12
N ASN A 59 4.23 14.73 18.20
CA ASN A 59 3.62 16.04 18.44
C ASN A 59 2.64 16.40 17.34
N TRP A 60 3.05 16.13 16.11
CA TRP A 60 2.24 16.36 14.93
C TRP A 60 0.97 15.53 14.96
N ALA A 61 1.14 14.24 15.28
CA ALA A 61 0.03 13.29 15.31
C ALA A 61 -1.06 13.72 16.30
N LYS A 62 -0.64 14.14 17.48
CA LYS A 62 -1.57 14.59 18.51
C LYS A 62 -2.32 15.86 18.11
N ARG A 63 -1.79 16.55 17.11
CA ARG A 63 -2.44 17.75 16.60
C ARG A 63 -3.23 17.48 15.32
N VAL A 64 -3.19 16.26 14.83
CA VAL A 64 -4.04 15.87 13.71
C VAL A 64 -5.46 15.67 14.21
N PRO A 65 -6.41 16.51 13.73
CA PRO A 65 -7.79 16.49 14.22
C PRO A 65 -8.40 15.10 14.28
N GLY A 66 -8.95 14.74 15.44
CA GLY A 66 -9.54 13.43 15.63
C GLY A 66 -8.61 12.41 16.28
N PHE A 67 -7.32 12.66 16.19
CA PHE A 67 -6.33 11.69 16.69
C PHE A 67 -6.28 11.66 18.22
N VAL A 68 -6.58 12.79 18.85
CA VAL A 68 -6.56 12.88 20.31
C VAL A 68 -7.77 12.17 20.91
N ASP A 69 -8.85 12.06 20.13
CA ASP A 69 -10.08 11.43 20.60
C ASP A 69 -9.93 9.92 20.69
N LEU A 70 -8.84 9.39 20.12
CA LEU A 70 -8.55 7.97 20.19
C LEU A 70 -7.92 7.63 21.52
N THR A 71 -8.19 6.42 22.01
CA THR A 71 -7.48 5.92 23.18
C THR A 71 -5.98 5.90 22.92
N LEU A 72 -5.19 5.88 23.99
CA LEU A 72 -3.75 5.83 23.88
C LEU A 72 -3.30 4.62 23.05
N HIS A 73 -3.91 3.46 23.30
CA HIS A 73 -3.54 2.24 22.58
C HIS A 73 -3.78 2.35 21.07
N ASP A 74 -4.85 3.03 20.70
CA ASP A 74 -5.18 3.22 19.29
C ASP A 74 -4.16 4.14 18.64
N GLN A 75 -3.83 5.21 19.34
CA GLN A 75 -2.80 6.14 18.88
C GLN A 75 -1.49 5.40 18.68
N VAL A 76 -1.10 4.63 19.70
CA VAL A 76 0.13 3.83 19.63
C VAL A 76 0.10 2.88 18.44
N HIS A 77 -1.02 2.19 18.26
CA HIS A 77 -1.15 1.28 17.12
C HIS A 77 -0.93 1.99 15.78
N LEU A 78 -1.63 3.10 15.56
CA LEU A 78 -1.57 3.79 14.28
C LEU A 78 -0.17 4.31 13.96
N LEU A 79 0.49 4.84 14.99
CA LEU A 79 1.83 5.40 14.82
C LEU A 79 2.86 4.31 14.58
N GLU A 80 2.76 3.23 15.36
CA GLU A 80 3.64 2.09 15.17
C GLU A 80 3.49 1.50 13.77
N CYS A 81 2.27 1.49 13.25
CA CYS A 81 2.01 0.99 11.89
C CYS A 81 2.55 1.91 10.82
N ALA A 82 2.39 3.22 11.02
CA ALA A 82 2.55 4.19 9.95
C ALA A 82 3.82 5.03 10.00
N TRP A 83 4.64 4.86 11.03
CA TRP A 83 5.71 5.84 11.29
C TRP A 83 6.68 5.98 10.12
N LEU A 84 7.06 4.87 9.48
CA LEU A 84 8.03 4.97 8.40
C LEU A 84 7.39 5.50 7.11
N GLU A 85 6.12 5.15 6.88
CA GLU A 85 5.37 5.74 5.78
C GLU A 85 5.38 7.26 5.92
N ILE A 86 5.16 7.71 7.16
CA ILE A 86 5.07 9.14 7.44
C ILE A 86 6.43 9.85 7.30
N LEU A 87 7.50 9.21 7.77
CA LEU A 87 8.83 9.76 7.54
C LEU A 87 9.12 9.85 6.04
N MET A 88 8.76 8.80 5.32
CA MET A 88 9.08 8.70 3.90
C MET A 88 8.30 9.68 3.04
N ILE A 89 7.01 9.86 3.33
CA ILE A 89 6.23 10.80 2.53
C ILE A 89 6.68 12.24 2.81
N GLY A 90 7.18 12.48 4.03
CA GLY A 90 7.74 13.78 4.37
C GLY A 90 9.07 13.99 3.64
N LEU A 91 9.90 12.96 3.66
CA LEU A 91 11.15 12.95 2.93
C LEU A 91 10.92 13.22 1.45
N VAL A 92 9.96 12.49 0.88
CA VAL A 92 9.63 12.61 -0.52
C VAL A 92 9.09 14.01 -0.82
N TRP A 93 8.24 14.52 0.07
CA TRP A 93 7.73 15.89 -0.05
C TRP A 93 8.85 16.94 -0.05
N ARG A 94 9.78 16.83 0.90
CA ARG A 94 10.91 17.77 1.00
C ARG A 94 11.82 17.71 -0.22
N SER A 95 11.87 16.54 -0.84
CA SER A 95 12.79 16.27 -1.95
C SER A 95 12.22 16.67 -3.29
N MET A 96 10.97 17.14 -3.28
CA MET A 96 10.25 17.43 -4.51
C MET A 96 10.97 18.45 -5.39
N GLU A 97 11.51 19.49 -4.75
CA GLU A 97 12.16 20.57 -5.49
C GLU A 97 13.64 20.28 -5.73
N HIS A 98 14.06 19.06 -5.46
CA HIS A 98 15.44 18.65 -5.70
C HIS A 98 15.48 17.36 -6.50
N PRO A 99 15.12 17.43 -7.80
CA PRO A 99 15.02 16.24 -8.62
C PRO A 99 16.31 15.42 -8.63
N GLY A 100 16.16 14.10 -8.51
CA GLY A 100 17.31 13.21 -8.51
C GLY A 100 17.97 13.10 -7.16
N LYS A 101 17.46 13.84 -6.17
CA LYS A 101 18.06 13.85 -4.84
C LYS A 101 17.04 13.70 -3.72
N LEU A 102 17.52 13.19 -2.60
CA LEU A 102 16.72 13.09 -1.39
C LEU A 102 17.23 14.07 -0.33
N LEU A 103 16.39 15.03 0.01
CA LEU A 103 16.71 16.03 1.03
C LEU A 103 16.34 15.51 2.40
N PHE A 104 17.21 14.70 3.00
CA PHE A 104 16.98 14.19 4.33
C PHE A 104 16.97 15.33 5.33
N ALA A 105 17.92 16.24 5.14
CA ALA A 105 18.02 17.46 5.93
C ALA A 105 18.60 18.50 4.99
N PRO A 106 18.42 19.80 5.31
CA PRO A 106 18.99 20.84 4.46
C PRO A 106 20.49 20.69 4.26
N ASN A 107 21.17 20.13 5.27
CA ASN A 107 22.61 19.91 5.18
C ASN A 107 22.93 18.44 4.90
N LEU A 108 21.91 17.71 4.47
CA LEU A 108 22.05 16.30 4.11
C LEU A 108 21.22 15.99 2.87
N LEU A 109 21.64 16.51 1.73
CA LEU A 109 20.95 16.29 0.47
C LEU A 109 21.68 15.22 -0.34
N LEU A 110 21.07 14.04 -0.47
CA LEU A 110 21.75 12.89 -1.05
C LEU A 110 21.27 12.52 -2.45
N ASP A 111 22.21 12.31 -3.37
CA ASP A 111 21.87 11.84 -4.71
C ASP A 111 21.68 10.33 -4.72
N ARG A 112 21.31 9.79 -5.87
CA ARG A 112 21.08 8.36 -6.00
C ARG A 112 22.28 7.50 -5.61
N ASN A 113 23.45 7.83 -6.15
CA ASN A 113 24.63 6.98 -5.98
C ASN A 113 25.16 6.94 -4.54
N GLN A 114 24.76 7.91 -3.73
CA GLN A 114 25.17 7.93 -2.34
C GLN A 114 24.40 6.87 -1.55
N GLY A 115 23.31 6.38 -2.12
CA GLY A 115 22.57 5.28 -1.54
C GLY A 115 23.36 3.99 -1.57
N LYS A 116 24.32 3.91 -2.49
CA LYS A 116 25.19 2.73 -2.63
C LYS A 116 26.12 2.54 -1.44
N CYS A 117 26.28 3.59 -0.64
CA CYS A 117 27.14 3.53 0.54
C CYS A 117 26.62 2.51 1.56
N VAL A 118 25.31 2.28 1.53
CA VAL A 118 24.71 1.23 2.33
C VAL A 118 24.16 0.17 1.38
N GLU A 119 24.49 -1.10 1.65
CA GLU A 119 23.98 -2.18 0.82
C GLU A 119 22.47 -2.30 0.93
N GLY A 120 21.81 -2.41 -0.21
CA GLY A 120 20.36 -2.55 -0.24
C GLY A 120 19.61 -1.23 -0.07
N MET A 121 20.35 -0.13 0.07
CA MET A 121 19.73 1.17 0.29
C MET A 121 19.38 1.87 -1.02
N VAL A 122 20.15 1.59 -2.06
CA VAL A 122 19.96 2.22 -3.36
C VAL A 122 18.59 1.86 -3.96
N GLU A 123 18.10 0.65 -3.66
CA GLU A 123 16.78 0.23 -4.11
C GLU A 123 15.69 1.05 -3.42
N ILE A 124 15.91 1.34 -2.15
CA ILE A 124 14.99 2.16 -1.38
C ILE A 124 15.04 3.61 -1.86
N PHE A 125 16.24 4.10 -2.13
CA PHE A 125 16.41 5.45 -2.66
C PHE A 125 15.68 5.62 -3.98
N ASP A 126 15.82 4.65 -4.88
CA ASP A 126 15.18 4.73 -6.20
C ASP A 126 13.67 4.80 -6.09
N MET A 127 13.11 4.06 -5.15
CA MET A 127 11.67 4.09 -4.96
C MET A 127 11.22 5.43 -4.42
N LEU A 128 12.02 6.01 -3.52
CA LEU A 128 11.71 7.32 -2.96
C LEU A 128 11.87 8.41 -4.02
N LEU A 129 12.94 8.32 -4.81
CA LEU A 129 13.18 9.27 -5.88
C LEU A 129 12.06 9.24 -6.93
N ALA A 130 11.63 8.04 -7.30
CA ALA A 130 10.48 7.90 -8.20
C ALA A 130 9.20 8.48 -7.59
N THR A 131 9.01 8.33 -6.30
CA THR A 131 7.82 8.88 -5.65
C THR A 131 7.86 10.41 -5.66
N SER A 132 9.04 10.96 -5.41
CA SER A 132 9.21 12.42 -5.42
C SER A 132 8.97 12.98 -6.81
N SER A 133 9.50 12.30 -7.83
CA SER A 133 9.29 12.70 -9.22
C SER A 133 7.79 12.68 -9.55
N ARG A 134 7.10 11.64 -9.11
CA ARG A 134 5.66 11.53 -9.32
C ARG A 134 4.93 12.72 -8.70
N PHE A 135 5.30 13.08 -7.47
CA PHE A 135 4.72 14.23 -6.80
C PHE A 135 5.00 15.52 -7.56
N ARG A 136 6.23 15.62 -8.07
CA ARG A 136 6.66 16.78 -8.84
C ARG A 136 5.77 16.94 -10.07
N MET A 137 5.59 15.85 -10.81
CA MET A 137 4.81 15.91 -12.05
C MET A 137 3.32 16.14 -11.79
N MET A 138 2.85 15.74 -10.62
CA MET A 138 1.45 15.98 -10.26
C MET A 138 1.24 17.39 -9.74
N ASN A 139 2.36 18.11 -9.54
CA ASN A 139 2.34 19.42 -8.91
C ASN A 139 1.62 19.35 -7.57
N LEU A 140 2.03 18.38 -6.76
CA LEU A 140 1.49 18.20 -5.42
C LEU A 140 1.65 19.47 -4.60
N GLN A 141 0.54 19.93 -4.02
CA GLN A 141 0.55 21.12 -3.16
C GLN A 141 0.72 20.73 -1.70
N GLY A 142 1.19 21.68 -0.89
CA GLY A 142 1.43 21.43 0.51
C GLY A 142 0.18 21.06 1.27
N GLU A 143 -0.95 21.67 0.87
CA GLU A 143 -2.24 21.37 1.47
C GLU A 143 -2.69 19.95 1.16
N GLU A 144 -2.34 19.45 -0.01
CA GLU A 144 -2.67 18.09 -0.40
C GLU A 144 -1.78 17.11 0.34
N PHE A 145 -0.49 17.44 0.38
CA PHE A 145 0.51 16.67 1.12
C PHE A 145 0.11 16.42 2.57
N VAL A 146 -0.22 17.48 3.30
CA VAL A 146 -0.53 17.31 4.72
C VAL A 146 -1.79 16.46 4.88
N CYS A 147 -2.72 16.57 3.93
CA CYS A 147 -3.92 15.74 3.92
C CYS A 147 -3.56 14.27 3.73
N LEU A 148 -2.62 14.00 2.83
CA LEU A 148 -2.20 12.64 2.53
C LEU A 148 -1.47 12.01 3.71
N LYS A 149 -0.61 12.81 4.33
CA LYS A 149 0.15 12.35 5.47
C LYS A 149 -0.76 12.00 6.65
N SER A 150 -1.81 12.79 6.85
CA SER A 150 -2.80 12.48 7.86
C SER A 150 -3.59 11.20 7.52
N ILE A 151 -3.87 11.02 6.23
CA ILE A 151 -4.57 9.82 5.78
C ILE A 151 -3.77 8.59 6.14
N ILE A 152 -2.48 8.60 5.83
CA ILE A 152 -1.58 7.52 6.19
C ILE A 152 -1.67 7.17 7.68
N LEU A 153 -1.49 8.19 8.53
CA LEU A 153 -1.55 8.02 9.98
C LEU A 153 -2.81 7.29 10.40
N LEU A 154 -3.94 7.72 9.85
CA LEU A 154 -5.25 7.24 10.28
C LEU A 154 -5.66 5.94 9.60
N ASN A 155 -5.18 5.74 8.37
CA ASN A 155 -5.64 4.62 7.55
C ASN A 155 -4.78 3.36 7.66
N SER A 156 -3.47 3.53 7.75
CA SER A 156 -2.57 2.39 7.56
C SER A 156 -2.77 1.28 8.59
N GLY A 157 -3.15 1.66 9.81
CA GLY A 157 -3.33 0.67 10.86
C GLY A 157 -4.77 0.37 11.21
N VAL A 158 -5.71 0.99 10.52
CA VAL A 158 -7.11 0.92 10.91
C VAL A 158 -7.74 -0.45 10.64
N TYR A 159 -7.13 -1.23 9.75
CA TYR A 159 -7.65 -2.57 9.44
C TYR A 159 -6.92 -3.65 10.21
N THR A 160 -6.01 -3.23 11.08
CA THR A 160 -5.32 -4.16 11.97
C THR A 160 -5.78 -3.89 13.39
N PHE A 161 -6.95 -3.27 13.52
CA PHE A 161 -7.63 -3.09 14.79
C PHE A 161 -8.45 -4.32 15.15
N LYS A 172 -13.19 2.35 15.01
CA LYS A 172 -13.25 2.17 13.57
C LYS A 172 -14.03 3.30 12.91
N ASP A 173 -15.32 3.41 13.27
CA ASP A 173 -16.23 4.39 12.70
C ASP A 173 -15.70 5.82 12.83
N HIS A 174 -15.23 6.17 14.02
CA HIS A 174 -14.67 7.49 14.29
C HIS A 174 -13.50 7.80 13.34
N ILE A 175 -12.54 6.89 13.27
CA ILE A 175 -11.39 7.04 12.39
C ILE A 175 -11.85 7.17 10.94
N HIS A 176 -12.77 6.30 10.54
CA HIS A 176 -13.29 6.30 9.18
C HIS A 176 -14.10 7.56 8.85
N ARG A 177 -14.75 8.14 9.87
CA ARG A 177 -15.46 9.40 9.66
C ARG A 177 -14.46 10.53 9.42
N VAL A 178 -13.35 10.50 10.16
CA VAL A 178 -12.31 11.50 10.00
C VAL A 178 -11.64 11.32 8.64
N LEU A 179 -11.42 10.07 8.26
CA LEU A 179 -10.87 9.75 6.94
C LEU A 179 -11.74 10.33 5.84
N ASP A 180 -13.05 10.15 5.98
CA ASP A 180 -14.05 10.77 5.11
C ASP A 180 -13.93 12.30 5.11
N LYS A 181 -13.62 12.86 6.28
CA LYS A 181 -13.51 14.31 6.44
C LYS A 181 -12.32 14.83 5.63
N ILE A 182 -11.22 14.08 5.64
CA ILE A 182 -10.03 14.48 4.90
C ILE A 182 -10.25 14.37 3.40
N THR A 183 -10.93 13.30 2.98
CA THR A 183 -11.34 13.16 1.58
C THR A 183 -12.10 14.40 1.13
N ASP A 184 -13.13 14.76 1.90
CA ASP A 184 -13.88 15.99 1.65
C ASP A 184 -12.93 17.17 1.54
N THR A 185 -11.96 17.23 2.45
CA THR A 185 -11.00 18.33 2.52
C THR A 185 -10.12 18.36 1.28
N LEU A 186 -9.68 17.18 0.87
CA LEU A 186 -8.90 17.02 -0.35
C LEU A 186 -9.67 17.50 -1.57
N ILE A 187 -10.92 17.04 -1.68
CA ILE A 187 -11.79 17.46 -2.78
C ILE A 187 -12.02 18.97 -2.75
N HIS A 188 -12.24 19.50 -1.55
CA HIS A 188 -12.39 20.94 -1.37
C HIS A 188 -11.18 21.70 -1.90
N LEU A 189 -9.99 21.16 -1.66
CA LEU A 189 -8.75 21.80 -2.13
C LEU A 189 -8.65 21.80 -3.64
N MET A 190 -9.14 20.74 -4.26
CA MET A 190 -9.06 20.57 -5.71
C MET A 190 -10.08 21.43 -6.44
N ALA A 191 -11.29 21.50 -5.88
CA ALA A 191 -12.31 22.40 -6.41
C ALA A 191 -11.83 23.84 -6.27
N LYS A 192 -11.04 24.09 -5.23
CA LYS A 192 -10.45 25.39 -4.98
C LYS A 192 -9.49 25.79 -6.10
N ALA A 193 -8.74 24.79 -6.60
CA ALA A 193 -7.72 25.04 -7.61
C ALA A 193 -8.33 25.14 -9.00
N GLY A 194 -9.65 24.99 -9.09
CA GLY A 194 -10.36 25.17 -10.34
C GLY A 194 -10.55 23.90 -11.15
N LEU A 195 -10.10 22.78 -10.60
CA LEU A 195 -10.23 21.50 -11.27
C LEU A 195 -11.71 21.13 -11.47
N THR A 196 -12.01 20.54 -12.62
CA THR A 196 -13.38 20.10 -12.91
C THR A 196 -13.71 18.88 -12.07
N LEU A 197 -14.99 18.51 -12.04
CA LEU A 197 -15.43 17.34 -11.27
C LEU A 197 -14.64 16.09 -11.67
N GLN A 198 -14.54 15.84 -12.97
CA GLN A 198 -13.81 14.68 -13.47
C GLN A 198 -12.34 14.77 -13.08
N GLN A 199 -11.76 15.96 -13.16
CA GLN A 199 -10.38 16.15 -12.74
C GLN A 199 -10.24 15.95 -11.24
N GLN A 200 -11.29 16.29 -10.49
CA GLN A 200 -11.26 16.20 -9.04
C GLN A 200 -11.15 14.75 -8.56
N HIS A 201 -12.03 13.87 -9.04
CA HIS A 201 -11.96 12.49 -8.58
C HIS A 201 -10.78 11.77 -9.23
N GLN A 202 -10.41 12.17 -10.44
CA GLN A 202 -9.23 11.57 -11.07
C GLN A 202 -7.97 11.87 -10.26
N ARG A 203 -7.83 13.11 -9.79
CA ARG A 203 -6.66 13.47 -9.00
C ARG A 203 -6.68 12.83 -7.63
N LEU A 204 -7.87 12.80 -7.02
CA LEU A 204 -8.05 12.11 -5.75
C LEU A 204 -7.53 10.69 -5.83
N ALA A 205 -7.97 9.99 -6.88
CA ALA A 205 -7.55 8.61 -7.12
C ALA A 205 -6.04 8.51 -7.31
N GLN A 206 -5.49 9.38 -8.15
CA GLN A 206 -4.05 9.37 -8.41
C GLN A 206 -3.25 9.57 -7.11
N LEU A 207 -3.69 10.48 -6.26
CA LEU A 207 -3.00 10.71 -5.01
C LEU A 207 -3.06 9.49 -4.09
N LEU A 208 -4.26 8.95 -3.88
CA LEU A 208 -4.43 7.82 -2.97
C LEU A 208 -3.72 6.54 -3.45
N LEU A 209 -3.58 6.39 -4.75
CA LEU A 209 -2.88 5.23 -5.27
C LEU A 209 -1.38 5.29 -4.96
N ILE A 210 -0.83 6.49 -4.83
CA ILE A 210 0.58 6.63 -4.49
C ILE A 210 0.81 6.16 -3.06
N LEU A 211 -0.24 6.20 -2.26
CA LEU A 211 -0.13 5.71 -0.88
C LEU A 211 0.16 4.21 -0.86
N SER A 212 -0.29 3.48 -1.88
CA SER A 212 0.04 2.06 -1.98
C SER A 212 1.53 1.86 -2.18
N HIS A 213 2.15 2.73 -2.97
CA HIS A 213 3.59 2.65 -3.18
C HIS A 213 4.37 3.07 -1.94
N ILE A 214 3.84 4.05 -1.23
CA ILE A 214 4.45 4.48 0.03
C ILE A 214 4.41 3.34 1.05
N ARG A 215 3.30 2.62 1.12
CA ARG A 215 3.24 1.41 1.95
C ARG A 215 4.32 0.41 1.58
N HIS A 216 4.45 0.17 0.27
CA HIS A 216 5.46 -0.75 -0.27
C HIS A 216 6.87 -0.32 0.15
N MET A 217 7.16 0.97 0.01
CA MET A 217 8.47 1.49 0.36
C MET A 217 8.77 1.31 1.85
N SER A 218 7.80 1.67 2.68
CA SER A 218 7.90 1.48 4.12
C SER A 218 8.19 0.02 4.49
N ASN A 219 7.46 -0.90 3.88
CA ASN A 219 7.69 -2.31 4.15
C ASN A 219 9.08 -2.75 3.67
N LYS A 220 9.55 -2.20 2.55
CA LYS A 220 10.91 -2.49 2.10
C LYS A 220 11.91 -1.90 3.08
N GLY A 221 11.63 -0.69 3.54
CA GLY A 221 12.52 0.00 4.46
C GLY A 221 12.55 -0.64 5.82
N MET A 222 11.42 -1.22 6.21
CA MET A 222 11.31 -1.87 7.52
C MET A 222 12.21 -3.10 7.56
N GLU A 223 12.15 -3.89 6.49
CA GLU A 223 13.02 -5.06 6.35
C GLU A 223 14.50 -4.68 6.32
N HIS A 224 14.83 -3.60 5.65
CA HIS A 224 16.23 -3.17 5.56
C HIS A 224 16.73 -2.73 6.92
N LEU A 225 15.88 -2.00 7.64
CA LEU A 225 16.22 -1.56 8.99
C LEU A 225 16.43 -2.76 9.90
N TYR A 226 15.54 -3.73 9.78
CA TYR A 226 15.64 -4.96 10.56
C TYR A 226 16.96 -5.68 10.28
N SER A 227 17.35 -5.75 9.02
CA SER A 227 18.60 -6.40 8.64
C SER A 227 19.79 -5.67 9.26
N MET A 228 19.76 -4.34 9.21
CA MET A 228 20.82 -3.53 9.76
C MET A 228 20.88 -3.70 11.28
N LYS A 229 19.74 -3.94 11.90
CA LYS A 229 19.71 -4.29 13.32
C LYS A 229 20.44 -5.59 13.57
N CYS A 230 20.14 -6.61 12.77
CA CYS A 230 20.79 -7.91 12.90
C CYS A 230 22.25 -7.84 12.49
N LYS A 231 22.54 -7.05 11.46
CA LYS A 231 23.91 -6.84 11.00
C LYS A 231 24.69 -6.04 12.03
N ASN A 232 23.97 -5.30 12.87
CA ASN A 232 24.56 -4.56 13.97
C ASN A 232 25.62 -3.57 13.50
N VAL A 233 25.39 -2.96 12.34
CA VAL A 233 26.31 -1.98 11.78
C VAL A 233 26.35 -0.72 12.65
N VAL A 234 25.17 -0.30 13.09
CA VAL A 234 25.03 0.89 13.92
C VAL A 234 24.07 0.59 15.07
N PRO A 235 24.40 1.06 16.28
CA PRO A 235 23.45 0.94 17.39
C PRO A 235 22.21 1.78 17.14
N LEU A 236 21.04 1.15 17.20
CA LEU A 236 19.78 1.86 17.03
C LEU A 236 19.25 2.30 18.39
N SER A 237 18.55 3.44 18.41
CA SER A 237 17.98 3.94 19.64
C SER A 237 16.87 3.02 20.14
N ASP A 238 16.60 3.07 21.44
CA ASP A 238 15.52 2.28 22.01
C ASP A 238 14.20 2.64 21.35
N LEU A 239 13.97 3.92 21.10
CA LEU A 239 12.74 4.37 20.45
C LEU A 239 12.58 3.77 19.05
N LEU A 240 13.61 3.91 18.23
CA LEU A 240 13.57 3.40 16.86
C LEU A 240 13.40 1.87 16.87
N LEU A 241 14.10 1.22 17.79
CA LEU A 241 14.01 -0.23 17.93
C LEU A 241 12.60 -0.67 18.30
N GLU A 242 11.98 0.08 19.20
CA GLU A 242 10.61 -0.22 19.61
C GLU A 242 9.61 -0.02 18.48
N MET A 243 9.81 1.04 17.70
CA MET A 243 8.94 1.29 16.55
C MET A 243 9.14 0.18 15.53
N LEU A 244 10.37 -0.31 15.44
CA LEU A 244 10.71 -1.40 14.54
C LEU A 244 10.14 -2.72 15.05
N ASP A 245 10.25 -2.96 16.36
CA ASP A 245 9.76 -4.20 16.97
C ASP A 245 8.28 -4.41 16.74
N ALA A 246 7.55 -3.31 16.55
CA ALA A 246 6.10 -3.37 16.37
C ALA A 246 5.71 -4.08 15.08
N HIS A 247 6.64 -4.15 14.12
CA HIS A 247 6.35 -4.70 12.81
C HIS A 247 6.76 -6.16 12.65
N ARG A 248 7.37 -6.73 13.68
CA ARG A 248 7.80 -8.13 13.62
C ARG A 248 6.96 -9.00 14.54
N SER B 5 -5.56 3.43 -28.83
CA SER B 5 -5.91 2.48 -27.78
C SER B 5 -7.42 2.19 -27.84
N LEU B 6 -7.78 0.93 -27.57
CA LEU B 6 -9.18 0.55 -27.47
C LEU B 6 -9.72 0.86 -26.08
N ALA B 7 -8.82 0.80 -25.08
CA ALA B 7 -9.19 1.00 -23.68
C ALA B 7 -9.68 2.42 -23.42
N LEU B 8 -9.18 3.37 -24.21
CA LEU B 8 -9.51 4.77 -24.02
C LEU B 8 -10.81 5.11 -24.71
N SER B 9 -11.32 4.18 -25.51
CA SER B 9 -12.55 4.40 -26.27
C SER B 9 -13.76 3.78 -25.59
N LEU B 10 -13.52 2.89 -24.64
CA LEU B 10 -14.59 2.20 -23.94
C LEU B 10 -15.39 3.16 -23.07
N THR B 11 -16.71 3.00 -23.08
CA THR B 11 -17.54 3.76 -22.17
C THR B 11 -17.47 3.10 -20.79
N ALA B 12 -18.06 3.76 -19.79
CA ALA B 12 -18.04 3.24 -18.43
C ALA B 12 -18.72 1.87 -18.35
N ASP B 13 -19.91 1.76 -18.93
CA ASP B 13 -20.63 0.48 -18.95
C ASP B 13 -19.86 -0.56 -19.76
N GLN B 14 -19.29 -0.12 -20.87
CA GLN B 14 -18.47 -1.00 -21.71
C GLN B 14 -17.24 -1.48 -20.96
N MET B 15 -16.68 -0.58 -20.14
CA MET B 15 -15.55 -0.93 -19.29
C MET B 15 -15.95 -2.01 -18.30
N VAL B 16 -17.05 -1.80 -17.58
CA VAL B 16 -17.54 -2.76 -16.60
C VAL B 16 -17.79 -4.12 -17.24
N SER B 17 -18.46 -4.12 -18.39
CA SER B 17 -18.77 -5.34 -19.11
C SER B 17 -17.50 -6.10 -19.51
N ALA B 18 -16.51 -5.38 -20.02
CA ALA B 18 -15.25 -6.01 -20.42
C ALA B 18 -14.55 -6.66 -19.24
N LEU B 19 -14.54 -5.95 -18.11
CA LEU B 19 -13.90 -6.45 -16.90
C LEU B 19 -14.66 -7.65 -16.32
N LEU B 20 -15.98 -7.60 -16.38
CA LEU B 20 -16.79 -8.69 -15.87
C LEU B 20 -16.63 -9.92 -16.74
N ASP B 21 -16.61 -9.70 -18.06
CA ASP B 21 -16.48 -10.79 -19.02
CA ASP B 21 -16.48 -10.81 -19.01
C ASP B 21 -15.11 -11.47 -18.94
N ALA B 22 -14.14 -10.76 -18.37
CA ALA B 22 -12.78 -11.28 -18.30
C ALA B 22 -12.49 -12.03 -17.00
N GLU B 23 -13.48 -12.08 -16.11
CA GLU B 23 -13.28 -12.66 -14.79
C GLU B 23 -12.77 -14.09 -14.86
N PRO B 24 -11.71 -14.37 -14.09
CA PRO B 24 -11.24 -15.75 -14.02
C PRO B 24 -12.27 -16.59 -13.28
N PRO B 25 -12.24 -17.91 -13.49
CA PRO B 25 -13.17 -18.79 -12.78
C PRO B 25 -12.72 -19.04 -11.36
N ILE B 26 -13.61 -19.58 -10.55
CA ILE B 26 -13.24 -19.93 -9.19
C ILE B 26 -12.82 -21.40 -9.14
N LEU B 27 -11.52 -21.60 -9.00
CA LEU B 27 -10.95 -22.94 -9.03
C LEU B 27 -11.24 -23.68 -7.73
N TYR B 28 -11.18 -25.00 -7.80
CA TYR B 28 -11.27 -25.83 -6.61
C TYR B 28 -9.89 -26.20 -6.12
N SER B 29 -9.81 -26.64 -4.87
CA SER B 29 -8.55 -27.12 -4.31
C SER B 29 -8.47 -28.63 -4.48
N GLU B 30 -7.26 -29.19 -4.37
CA GLU B 30 -7.08 -30.64 -4.38
C GLU B 30 -7.39 -31.20 -2.99
N TYR B 31 -7.96 -30.34 -2.16
CA TYR B 31 -8.27 -30.64 -0.75
C TYR B 31 -9.10 -31.90 -0.56
N ASP B 32 -8.62 -32.75 0.35
CA ASP B 32 -9.37 -33.92 0.80
C ASP B 32 -9.63 -33.78 2.30
N PRO B 33 -10.91 -33.63 2.68
CA PRO B 33 -11.27 -33.40 4.08
C PRO B 33 -11.16 -34.63 4.97
N THR B 34 -10.49 -35.68 4.49
CA THR B 34 -10.40 -36.93 5.22
C THR B 34 -9.02 -37.15 5.84
N ARG B 35 -8.06 -36.30 5.49
CA ARG B 35 -6.65 -36.57 5.80
C ARG B 35 -5.97 -35.58 6.75
N PRO B 36 -6.76 -34.93 7.64
CA PRO B 36 -6.50 -33.65 8.31
C PRO B 36 -5.31 -32.79 7.83
N PHE B 37 -4.86 -31.88 8.68
CA PHE B 37 -3.90 -30.88 8.26
C PHE B 37 -2.51 -31.02 8.86
N SER B 38 -1.51 -30.79 8.01
CA SER B 38 -0.15 -30.55 8.45
C SER B 38 0.31 -29.26 7.79
N GLU B 39 1.42 -28.69 8.27
CA GLU B 39 1.92 -27.46 7.68
C GLU B 39 2.25 -27.69 6.20
N ALA B 40 2.86 -28.84 5.92
CA ALA B 40 3.28 -29.18 4.57
C ALA B 40 2.09 -29.33 3.62
N SER B 41 0.99 -29.87 4.12
CA SER B 41 -0.17 -30.15 3.27
C SER B 41 -0.95 -28.88 2.94
N MET B 42 -1.18 -28.05 3.95
CA MET B 42 -1.92 -26.80 3.74
C MET B 42 -1.15 -25.86 2.82
N MET B 43 0.15 -25.74 3.07
CA MET B 43 1.04 -24.97 2.22
C MET B 43 0.97 -25.49 0.80
N GLY B 44 0.96 -26.81 0.69
CA GLY B 44 0.79 -27.47 -0.60
C GLY B 44 -0.51 -27.02 -1.24
N LEU B 45 -1.61 -27.19 -0.53
CA LEU B 45 -2.92 -26.74 -1.02
C LEU B 45 -2.92 -25.29 -1.47
N LEU B 46 -2.44 -24.40 -0.61
CA LEU B 46 -2.50 -22.96 -0.88
C LEU B 46 -1.65 -22.60 -2.09
N THR B 47 -0.43 -23.15 -2.15
CA THR B 47 0.48 -22.84 -3.25
C THR B 47 0.06 -23.53 -4.54
N ASN B 48 -0.41 -24.78 -4.44
CA ASN B 48 -0.98 -25.48 -5.59
C ASN B 48 -2.11 -24.65 -6.20
N LEU B 49 -3.03 -24.21 -5.33
CA LEU B 49 -4.14 -23.37 -5.77
C LEU B 49 -3.64 -22.09 -6.44
N ALA B 50 -2.69 -21.42 -5.81
CA ALA B 50 -2.20 -20.14 -6.32
C ALA B 50 -1.56 -20.34 -7.69
N ASP B 51 -0.78 -21.42 -7.82
CA ASP B 51 -0.15 -21.78 -9.08
C ASP B 51 -1.18 -21.89 -10.20
N ARG B 52 -2.29 -22.58 -9.93
CA ARG B 52 -3.34 -22.73 -10.94
C ARG B 52 -4.07 -21.42 -11.21
N GLU B 53 -4.30 -20.64 -10.16
CA GLU B 53 -4.91 -19.33 -10.32
C GLU B 53 -4.02 -18.39 -11.15
N LEU B 54 -2.72 -18.51 -10.94
CA LEU B 54 -1.74 -17.66 -11.63
C LEU B 54 -1.86 -17.76 -13.14
N VAL B 55 -2.05 -18.97 -13.64
CA VAL B 55 -2.24 -19.20 -15.05
C VAL B 55 -3.48 -18.46 -15.56
N HIS B 56 -4.55 -18.51 -14.79
CA HIS B 56 -5.78 -17.82 -15.17
C HIS B 56 -5.60 -16.32 -15.05
N MET B 57 -4.90 -15.89 -14.00
CA MET B 57 -4.65 -14.47 -13.80
C MET B 57 -3.89 -13.88 -14.98
N ILE B 58 -2.92 -14.63 -15.52
CA ILE B 58 -2.07 -14.12 -16.58
C ILE B 58 -2.91 -13.93 -17.83
N ASN B 59 -3.83 -14.86 -18.07
CA ASN B 59 -4.70 -14.76 -19.23
C ASN B 59 -5.82 -13.75 -19.01
N TRP B 60 -6.14 -13.51 -17.74
CA TRP B 60 -7.08 -12.45 -17.40
C TRP B 60 -6.46 -11.06 -17.68
N ALA B 61 -5.22 -10.87 -17.26
CA ALA B 61 -4.53 -9.59 -17.43
C ALA B 61 -4.51 -9.14 -18.89
N LYS B 62 -4.29 -10.07 -19.81
CA LYS B 62 -4.37 -9.79 -21.24
C LYS B 62 -5.71 -9.20 -21.68
N ARG B 63 -6.77 -9.53 -20.93
CA ARG B 63 -8.11 -9.03 -21.25
C ARG B 63 -8.44 -7.71 -20.55
N VAL B 64 -7.59 -7.31 -19.61
CA VAL B 64 -7.71 -6.00 -18.98
C VAL B 64 -7.39 -4.92 -20.00
N PRO B 65 -8.35 -4.02 -20.26
CA PRO B 65 -8.18 -2.95 -21.24
C PRO B 65 -6.89 -2.16 -21.04
N GLY B 66 -6.15 -1.93 -22.12
CA GLY B 66 -4.93 -1.16 -22.06
C GLY B 66 -3.69 -1.99 -21.79
N PHE B 67 -3.86 -3.10 -21.08
CA PHE B 67 -2.75 -3.97 -20.71
C PHE B 67 -2.03 -4.55 -21.93
N VAL B 68 -2.79 -4.87 -22.98
CA VAL B 68 -2.20 -5.48 -24.18
C VAL B 68 -1.43 -4.43 -25.00
N ASP B 69 -1.67 -3.16 -24.70
CA ASP B 69 -0.99 -2.06 -25.40
C ASP B 69 0.42 -1.83 -24.85
N LEU B 70 0.71 -2.44 -23.71
CA LEU B 70 2.02 -2.28 -23.09
C LEU B 70 3.03 -3.23 -23.71
N THR B 71 4.31 -2.86 -23.64
CA THR B 71 5.39 -3.75 -24.05
C THR B 71 5.32 -5.01 -23.23
N LEU B 72 5.93 -6.08 -23.72
CA LEU B 72 5.91 -7.35 -23.01
C LEU B 72 6.69 -7.21 -21.71
N HIS B 73 7.81 -6.49 -21.77
CA HIS B 73 8.62 -6.24 -20.58
C HIS B 73 7.78 -5.59 -19.48
N ASP B 74 6.95 -4.62 -19.85
CA ASP B 74 6.13 -3.91 -18.88
C ASP B 74 5.05 -4.83 -18.31
N GLN B 75 4.50 -5.70 -19.14
CA GLN B 75 3.50 -6.66 -18.69
C GLN B 75 4.08 -7.58 -17.63
N VAL B 76 5.25 -8.12 -17.91
CA VAL B 76 5.93 -9.02 -16.98
C VAL B 76 6.14 -8.33 -15.65
N HIS B 77 6.62 -7.09 -15.71
CA HIS B 77 6.87 -6.32 -14.50
C HIS B 77 5.60 -6.08 -13.67
N LEU B 78 4.52 -5.69 -14.33
CA LEU B 78 3.28 -5.37 -13.59
C LEU B 78 2.74 -6.61 -12.89
N LEU B 79 2.69 -7.72 -13.61
CA LEU B 79 2.21 -8.97 -13.03
C LEU B 79 3.14 -9.51 -11.95
N GLU B 80 4.44 -9.37 -12.15
CA GLU B 80 5.42 -9.75 -11.13
C GLU B 80 5.22 -8.94 -9.86
N CYS B 81 4.91 -7.66 -10.04
CA CYS B 81 4.62 -6.78 -8.92
C CYS B 81 3.32 -7.11 -8.20
N ALA B 82 2.27 -7.36 -8.97
CA ALA B 82 0.91 -7.35 -8.46
C ALA B 82 0.30 -8.72 -8.19
N TRP B 83 1.01 -9.79 -8.54
CA TRP B 83 0.35 -11.09 -8.60
C TRP B 83 -0.25 -11.54 -7.27
N LEU B 84 0.40 -11.23 -6.14
CA LEU B 84 -0.12 -11.70 -4.87
C LEU B 84 -1.21 -10.78 -4.33
N GLU B 85 -1.10 -9.48 -4.62
CA GLU B 85 -2.17 -8.54 -4.32
C GLU B 85 -3.46 -8.94 -5.03
N ILE B 86 -3.31 -9.33 -6.29
CA ILE B 86 -4.44 -9.74 -7.10
C ILE B 86 -5.03 -11.06 -6.58
N LEU B 87 -4.17 -12.02 -6.23
CA LEU B 87 -4.67 -13.25 -5.62
C LEU B 87 -5.41 -12.93 -4.32
N MET B 88 -4.88 -11.99 -3.55
CA MET B 88 -5.42 -11.69 -2.24
C MET B 88 -6.76 -10.94 -2.32
N ILE B 89 -6.88 -9.98 -3.22
CA ILE B 89 -8.14 -9.23 -3.33
C ILE B 89 -9.23 -10.12 -3.89
N GLY B 90 -8.85 -11.12 -4.68
CA GLY B 90 -9.80 -12.09 -5.21
C GLY B 90 -10.30 -12.97 -4.08
N LEU B 91 -9.37 -13.39 -3.23
CA LEU B 91 -9.67 -14.22 -2.08
C LEU B 91 -10.63 -13.51 -1.13
N VAL B 92 -10.31 -12.26 -0.84
CA VAL B 92 -11.10 -11.45 0.06
C VAL B 92 -12.51 -11.22 -0.50
N TRP B 93 -12.59 -11.03 -1.81
CA TRP B 93 -13.86 -10.87 -2.49
C TRP B 93 -14.72 -12.13 -2.35
N ARG B 94 -14.11 -13.29 -2.60
CA ARG B 94 -14.79 -14.58 -2.46
C ARG B 94 -15.33 -14.82 -1.07
N SER B 95 -14.59 -14.32 -0.07
CA SER B 95 -14.86 -14.66 1.32
C SER B 95 -15.84 -13.69 1.96
N MET B 96 -16.17 -12.65 1.21
CA MET B 96 -16.97 -11.53 1.71
C MET B 96 -18.28 -11.95 2.39
N GLU B 97 -18.92 -13.00 1.88
CA GLU B 97 -20.17 -13.46 2.48
C GLU B 97 -19.96 -14.67 3.38
N HIS B 98 -18.71 -14.89 3.80
CA HIS B 98 -18.39 -15.94 4.75
C HIS B 98 -17.62 -15.36 5.94
N PRO B 99 -18.34 -14.70 6.85
CA PRO B 99 -17.72 -14.04 8.01
C PRO B 99 -16.83 -14.99 8.80
N GLY B 100 -15.61 -14.53 9.10
CA GLY B 100 -14.68 -15.30 9.89
C GLY B 100 -13.94 -16.37 9.08
N LYS B 101 -14.26 -16.48 7.80
CA LYS B 101 -13.64 -17.51 6.98
C LYS B 101 -13.07 -16.99 5.67
N LEU B 102 -12.02 -17.66 5.20
CA LEU B 102 -11.43 -17.35 3.92
C LEU B 102 -11.75 -18.47 2.93
N LEU B 103 -12.52 -18.13 1.89
CA LEU B 103 -12.90 -19.10 0.86
C LEU B 103 -11.85 -19.15 -0.23
N PHE B 104 -10.80 -19.92 0.00
CA PHE B 104 -9.74 -20.08 -0.99
C PHE B 104 -10.30 -20.75 -2.23
N ALA B 105 -11.16 -21.73 -2.00
CA ALA B 105 -11.86 -22.44 -3.05
C ALA B 105 -13.22 -22.85 -2.47
N PRO B 106 -14.21 -23.18 -3.32
CA PRO B 106 -15.51 -23.57 -2.78
C PRO B 106 -15.42 -24.76 -1.83
N ASN B 107 -14.39 -25.59 -1.99
CA ASN B 107 -14.19 -26.76 -1.15
C ASN B 107 -13.09 -26.55 -0.12
N LEU B 108 -12.57 -25.33 -0.05
CA LEU B 108 -11.51 -25.00 0.89
C LEU B 108 -11.84 -23.69 1.61
N LEU B 109 -12.68 -23.78 2.63
CA LEU B 109 -13.11 -22.61 3.40
C LEU B 109 -12.46 -22.64 4.78
N LEU B 110 -11.55 -21.70 5.04
CA LEU B 110 -10.75 -21.73 6.25
C LEU B 110 -10.97 -20.54 7.18
N ASP B 111 -11.06 -20.81 8.48
CA ASP B 111 -11.05 -19.72 9.45
C ASP B 111 -9.61 -19.55 9.96
N ARG B 112 -9.41 -18.72 10.97
CA ARG B 112 -8.06 -18.37 11.36
C ARG B 112 -7.31 -19.48 12.13
N ASN B 113 -8.03 -20.35 12.82
CA ASN B 113 -7.36 -21.36 13.64
C ASN B 113 -6.59 -22.36 12.78
N GLN B 114 -7.11 -22.62 11.58
CA GLN B 114 -6.46 -23.49 10.61
C GLN B 114 -5.21 -22.80 10.03
N GLY B 115 -5.22 -21.48 10.04
CA GLY B 115 -4.06 -20.72 9.60
C GLY B 115 -2.87 -20.89 10.52
N LYS B 116 -3.13 -21.44 11.71
CA LYS B 116 -2.07 -21.69 12.68
C LYS B 116 -1.31 -22.97 12.35
N CYS B 117 -1.79 -23.71 11.36
CA CYS B 117 -1.13 -24.93 10.92
C CYS B 117 0.21 -24.59 10.28
N VAL B 118 0.30 -23.38 9.74
CA VAL B 118 1.53 -22.86 9.17
C VAL B 118 2.05 -21.71 10.04
N GLU B 119 3.35 -21.70 10.28
CA GLU B 119 3.96 -20.63 11.08
C GLU B 119 3.70 -19.25 10.47
N GLY B 120 3.24 -18.32 11.31
CA GLY B 120 3.09 -16.92 10.89
C GLY B 120 2.01 -16.65 9.88
N MET B 121 1.33 -17.69 9.42
CA MET B 121 0.26 -17.56 8.43
C MET B 121 -0.98 -16.93 9.04
N VAL B 122 -1.16 -17.14 10.35
CA VAL B 122 -2.35 -16.65 11.03
C VAL B 122 -2.39 -15.12 11.02
N GLU B 123 -1.22 -14.49 11.06
CA GLU B 123 -1.13 -13.03 10.94
C GLU B 123 -1.66 -12.57 9.58
N ILE B 124 -1.36 -13.34 8.53
CA ILE B 124 -1.82 -13.00 7.19
C ILE B 124 -3.32 -13.26 7.06
N PHE B 125 -3.78 -14.42 7.56
CA PHE B 125 -5.21 -14.74 7.57
C PHE B 125 -6.02 -13.64 8.21
N ASP B 126 -5.56 -13.18 9.36
CA ASP B 126 -6.25 -12.14 10.13
C ASP B 126 -6.38 -10.86 9.33
N MET B 127 -5.35 -10.50 8.58
CA MET B 127 -5.42 -9.29 7.76
C MET B 127 -6.38 -9.47 6.61
N LEU B 128 -6.36 -10.66 5.99
CA LEU B 128 -7.28 -10.94 4.90
C LEU B 128 -8.71 -10.91 5.40
N LEU B 129 -8.94 -11.50 6.58
CA LEU B 129 -10.27 -11.52 7.17
C LEU B 129 -10.76 -10.11 7.50
N ALA B 130 -9.86 -9.27 8.01
CA ALA B 130 -10.22 -7.89 8.32
C ALA B 130 -10.61 -7.13 7.05
N THR B 131 -9.95 -7.47 5.94
CA THR B 131 -10.20 -6.86 4.64
C THR B 131 -11.55 -7.29 4.11
N SER B 132 -11.89 -8.57 4.33
CA SER B 132 -13.16 -9.11 3.90
C SER B 132 -14.29 -8.49 4.71
N SER B 133 -14.06 -8.37 6.01
CA SER B 133 -14.94 -7.64 6.91
C SER B 133 -15.15 -6.20 6.43
N ARG B 134 -14.08 -5.58 5.94
CA ARG B 134 -14.20 -4.22 5.42
C ARG B 134 -15.09 -4.17 4.19
N PHE B 135 -14.87 -5.09 3.25
CA PHE B 135 -15.69 -5.14 2.04
C PHE B 135 -17.16 -5.37 2.38
N ARG B 136 -17.40 -6.27 3.32
CA ARG B 136 -18.74 -6.57 3.79
C ARG B 136 -19.39 -5.32 4.37
N MET B 137 -18.65 -4.64 5.24
CA MET B 137 -19.06 -3.37 5.82
C MET B 137 -19.50 -2.38 4.74
N MET B 138 -18.72 -2.27 3.67
CA MET B 138 -18.96 -1.29 2.62
C MET B 138 -20.00 -1.75 1.59
N ASN B 139 -20.41 -3.01 1.68
CA ASN B 139 -21.30 -3.59 0.68
C ASN B 139 -20.66 -3.43 -0.70
N LEU B 140 -19.43 -3.90 -0.84
CA LEU B 140 -18.68 -3.81 -2.09
C LEU B 140 -19.36 -4.61 -3.21
N GLN B 141 -19.55 -3.96 -4.35
CA GLN B 141 -20.19 -4.57 -5.50
C GLN B 141 -19.16 -5.20 -6.43
N GLY B 142 -19.59 -6.25 -7.14
CA GLY B 142 -18.74 -6.93 -8.10
C GLY B 142 -18.19 -5.99 -9.15
N GLU B 143 -19.01 -5.03 -9.57
CA GLU B 143 -18.60 -4.04 -10.56
C GLU B 143 -17.46 -3.18 -10.02
N GLU B 144 -17.46 -2.96 -8.71
CA GLU B 144 -16.40 -2.19 -8.07
C GLU B 144 -15.16 -3.05 -7.84
N PHE B 145 -15.40 -4.32 -7.50
CA PHE B 145 -14.31 -5.27 -7.30
C PHE B 145 -13.42 -5.42 -8.52
N VAL B 146 -14.02 -5.56 -9.69
CA VAL B 146 -13.26 -5.80 -10.91
C VAL B 146 -12.49 -4.54 -11.31
N CYS B 147 -13.04 -3.39 -10.95
CA CYS B 147 -12.34 -2.13 -11.17
C CYS B 147 -11.09 -2.05 -10.30
N LEU B 148 -11.25 -2.38 -9.02
CA LEU B 148 -10.13 -2.35 -8.07
C LEU B 148 -9.02 -3.32 -8.44
N LYS B 149 -9.40 -4.51 -8.92
CA LYS B 149 -8.42 -5.53 -9.25
C LYS B 149 -7.57 -5.11 -10.45
N SER B 150 -8.18 -4.42 -11.41
CA SER B 150 -7.46 -3.96 -12.59
C SER B 150 -6.59 -2.76 -12.25
N ILE B 151 -7.05 -1.95 -11.30
CA ILE B 151 -6.24 -0.84 -10.80
C ILE B 151 -4.96 -1.39 -10.19
N ILE B 152 -5.08 -2.45 -9.38
CA ILE B 152 -3.91 -3.08 -8.77
C ILE B 152 -2.91 -3.58 -9.82
N LEU B 153 -3.42 -4.26 -10.84
CA LEU B 153 -2.58 -4.74 -11.93
C LEU B 153 -1.74 -3.62 -12.53
N LEU B 154 -2.42 -2.52 -12.87
CA LEU B 154 -1.78 -1.41 -13.55
C LEU B 154 -1.01 -0.50 -12.59
N ASN B 155 -1.43 -0.42 -11.34
CA ASN B 155 -0.84 0.57 -10.45
C ASN B 155 0.38 0.12 -9.65
N SER B 156 0.42 -1.15 -9.26
CA SER B 156 1.37 -1.56 -8.22
C SER B 156 2.83 -1.48 -8.68
N GLY B 157 3.09 -1.75 -9.96
CA GLY B 157 4.44 -1.72 -10.46
C GLY B 157 4.75 -0.51 -11.31
N VAL B 158 3.81 0.42 -11.42
CA VAL B 158 3.98 1.56 -12.31
C VAL B 158 5.09 2.50 -11.82
N TYR B 159 5.38 2.46 -10.53
CA TYR B 159 6.38 3.34 -9.94
C TYR B 159 7.77 2.69 -9.89
N THR B 160 7.86 1.45 -10.36
CA THR B 160 9.10 0.70 -10.29
C THR B 160 9.62 0.29 -11.67
N PHE B 161 9.08 0.94 -12.70
CA PHE B 161 9.52 0.70 -14.08
C PHE B 161 10.96 1.18 -14.29
N GLU B 170 5.49 8.07 -21.23
CA GLU B 170 4.98 7.51 -22.49
C GLU B 170 4.24 6.20 -22.22
N GLU B 171 4.99 5.19 -21.79
CA GLU B 171 4.40 3.90 -21.42
C GLU B 171 3.57 4.07 -20.16
N LYS B 172 4.14 4.77 -19.18
CA LYS B 172 3.44 5.05 -17.94
C LYS B 172 2.26 5.98 -18.16
N ASP B 173 2.46 6.96 -19.05
CA ASP B 173 1.43 7.94 -19.37
C ASP B 173 0.19 7.25 -19.91
N HIS B 174 0.40 6.18 -20.66
CA HIS B 174 -0.70 5.38 -21.16
C HIS B 174 -1.41 4.69 -19.99
N ILE B 175 -0.61 4.08 -19.11
CA ILE B 175 -1.15 3.39 -17.95
C ILE B 175 -1.95 4.33 -17.06
N HIS B 176 -1.43 5.53 -16.83
CA HIS B 176 -2.12 6.50 -15.99
C HIS B 176 -3.41 6.97 -16.66
N ARG B 177 -3.47 6.91 -17.98
CA ARG B 177 -4.67 7.27 -18.71
C ARG B 177 -5.74 6.20 -18.54
N VAL B 178 -5.32 4.94 -18.54
CA VAL B 178 -6.24 3.83 -18.32
C VAL B 178 -6.72 3.84 -16.87
N LEU B 179 -5.78 4.01 -15.94
CA LEU B 179 -6.10 4.16 -14.54
C LEU B 179 -7.19 5.22 -14.33
N ASP B 180 -6.99 6.38 -14.96
CA ASP B 180 -7.99 7.45 -14.93
C ASP B 180 -9.34 7.00 -15.48
N LYS B 181 -9.33 6.19 -16.53
CA LYS B 181 -10.57 5.71 -17.12
C LYS B 181 -11.31 4.77 -16.16
N ILE B 182 -10.54 4.03 -15.36
CA ILE B 182 -11.15 3.14 -14.37
C ILE B 182 -11.72 3.95 -13.21
N THR B 183 -11.07 5.06 -12.90
CA THR B 183 -11.59 5.99 -11.90
C THR B 183 -12.94 6.51 -12.37
N ASP B 184 -12.98 6.99 -13.63
CA ASP B 184 -14.22 7.43 -14.26
C ASP B 184 -15.31 6.36 -14.13
N THR B 185 -14.89 5.11 -14.26
CA THR B 185 -15.80 3.97 -14.22
C THR B 185 -16.38 3.77 -12.83
N LEU B 186 -15.52 3.72 -11.83
CA LEU B 186 -15.94 3.62 -10.43
C LEU B 186 -16.97 4.70 -10.06
N ILE B 187 -16.73 5.91 -10.54
CA ILE B 187 -17.58 7.05 -10.23
C ILE B 187 -18.93 6.93 -10.92
N HIS B 188 -18.91 6.49 -12.17
CA HIS B 188 -20.14 6.26 -12.94
C HIS B 188 -21.03 5.24 -12.23
N LEU B 189 -20.41 4.16 -11.76
CA LEU B 189 -21.11 3.13 -10.99
C LEU B 189 -21.79 3.72 -9.75
N MET B 190 -21.03 4.44 -8.93
CA MET B 190 -21.56 5.02 -7.70
C MET B 190 -22.69 6.00 -7.95
N ALA B 191 -22.57 6.77 -9.03
CA ALA B 191 -23.63 7.70 -9.42
C ALA B 191 -24.90 6.94 -9.79
N LYS B 192 -24.73 5.74 -10.34
CA LYS B 192 -25.86 4.90 -10.69
C LYS B 192 -26.49 4.31 -9.43
N ALA B 193 -25.67 4.04 -8.43
CA ALA B 193 -26.17 3.48 -7.16
C ALA B 193 -26.93 4.52 -6.33
N GLY B 194 -27.02 5.76 -6.83
CA GLY B 194 -27.79 6.79 -6.16
C GLY B 194 -27.00 7.58 -5.14
N LEU B 195 -25.68 7.50 -5.21
CA LEU B 195 -24.82 8.21 -4.27
C LEU B 195 -24.66 9.67 -4.66
N THR B 196 -24.62 10.54 -3.65
CA THR B 196 -24.40 11.95 -3.90
C THR B 196 -22.96 12.18 -4.33
N LEU B 197 -22.67 13.39 -4.81
CA LEU B 197 -21.33 13.72 -5.27
C LEU B 197 -20.30 13.52 -4.15
N GLN B 198 -20.67 13.94 -2.94
CA GLN B 198 -19.80 13.77 -1.78
C GLN B 198 -19.60 12.29 -1.47
N GLN B 199 -20.71 11.55 -1.47
CA GLN B 199 -20.67 10.11 -1.17
C GLN B 199 -19.82 9.36 -2.19
N GLN B 200 -19.87 9.80 -3.44
CA GLN B 200 -19.05 9.20 -4.50
C GLN B 200 -17.57 9.32 -4.15
N HIS B 201 -17.13 10.54 -3.84
CA HIS B 201 -15.73 10.78 -3.54
C HIS B 201 -15.29 10.08 -2.26
N GLN B 202 -16.20 9.97 -1.30
CA GLN B 202 -15.88 9.31 -0.04
C GLN B 202 -15.70 7.81 -0.25
N ARG B 203 -16.64 7.20 -0.98
CA ARG B 203 -16.53 5.78 -1.28
C ARG B 203 -15.31 5.49 -2.13
N LEU B 204 -15.08 6.35 -3.12
CA LEU B 204 -13.91 6.21 -3.99
C LEU B 204 -12.65 6.14 -3.16
N ALA B 205 -12.46 7.11 -2.28
CA ALA B 205 -11.31 7.13 -1.39
C ALA B 205 -11.25 5.87 -0.52
N GLN B 206 -12.38 5.52 0.08
CA GLN B 206 -12.47 4.32 0.90
C GLN B 206 -11.99 3.08 0.15
N LEU B 207 -12.43 2.92 -1.09
CA LEU B 207 -12.01 1.79 -1.91
C LEU B 207 -10.52 1.78 -2.18
N LEU B 208 -9.96 2.94 -2.54
CA LEU B 208 -8.55 3.02 -2.88
C LEU B 208 -7.65 2.91 -1.64
N LEU B 209 -8.14 3.32 -0.49
CA LEU B 209 -7.36 3.20 0.73
C LEU B 209 -7.19 1.72 1.10
N ILE B 210 -8.16 0.89 0.72
CA ILE B 210 -8.06 -0.53 0.97
C ILE B 210 -6.87 -1.14 0.22
N LEU B 211 -6.56 -0.56 -0.93
CA LEU B 211 -5.46 -1.06 -1.76
C LEU B 211 -4.12 -0.90 -1.07
N SER B 212 -4.04 0.05 -0.15
CA SER B 212 -2.84 0.22 0.65
C SER B 212 -2.64 -0.98 1.56
N HIS B 213 -3.72 -1.43 2.19
CA HIS B 213 -3.63 -2.58 3.07
CA HIS B 213 -3.69 -2.59 3.07
C HIS B 213 -3.45 -3.86 2.28
N ILE B 214 -3.97 -3.89 1.06
CA ILE B 214 -3.77 -5.05 0.21
C ILE B 214 -2.30 -5.13 -0.18
N ARG B 215 -1.68 -4.00 -0.48
CA ARG B 215 -0.25 -3.99 -0.74
C ARG B 215 0.51 -4.52 0.48
N HIS B 216 0.05 -4.13 1.67
CA HIS B 216 0.75 -4.48 2.91
C HIS B 216 0.70 -5.98 3.13
N MET B 217 -0.47 -6.55 2.92
CA MET B 217 -0.66 -7.98 3.03
C MET B 217 0.19 -8.74 2.02
N SER B 218 0.25 -8.24 0.79
CA SER B 218 1.08 -8.88 -0.23
C SER B 218 2.54 -8.86 0.16
N ASN B 219 2.99 -7.72 0.67
CA ASN B 219 4.36 -7.55 1.13
C ASN B 219 4.72 -8.55 2.22
N LYS B 220 3.83 -8.69 3.21
CA LYS B 220 4.04 -9.64 4.29
C LYS B 220 3.97 -11.07 3.77
N GLY B 221 2.97 -11.34 2.93
CA GLY B 221 2.80 -12.67 2.36
C GLY B 221 4.00 -13.11 1.56
N MET B 222 4.55 -12.18 0.78
CA MET B 222 5.74 -12.45 -0.02
C MET B 222 6.93 -12.85 0.86
N GLU B 223 7.09 -12.14 1.97
CA GLU B 223 8.15 -12.47 2.93
C GLU B 223 7.89 -13.81 3.59
N HIS B 224 6.64 -14.11 3.90
CA HIS B 224 6.30 -15.38 4.51
C HIS B 224 6.56 -16.49 3.51
N LEU B 225 6.19 -16.25 2.25
CA LEU B 225 6.40 -17.22 1.19
C LEU B 225 7.88 -17.48 0.95
N TYR B 226 8.69 -16.43 0.98
CA TYR B 226 10.13 -16.58 0.81
C TYR B 226 10.74 -17.41 1.93
N SER B 227 10.27 -17.20 3.15
CA SER B 227 10.79 -17.94 4.30
C SER B 227 10.43 -19.42 4.20
N MET B 228 9.23 -19.72 3.70
CA MET B 228 8.81 -21.10 3.53
C MET B 228 9.63 -21.81 2.46
N LYS B 229 9.98 -21.07 1.41
CA LYS B 229 10.85 -21.58 0.36
C LYS B 229 12.21 -21.99 0.92
N CYS B 230 12.78 -21.16 1.78
CA CYS B 230 14.05 -21.46 2.41
C CYS B 230 13.88 -22.54 3.47
N LYS B 231 12.69 -22.60 4.06
CA LYS B 231 12.36 -23.62 5.05
C LYS B 231 12.27 -24.99 4.37
N ASN B 232 11.87 -24.99 3.10
CA ASN B 232 11.82 -26.19 2.27
C ASN B 232 10.99 -27.30 2.91
N VAL B 233 9.70 -27.03 3.12
CA VAL B 233 8.80 -28.02 3.70
C VAL B 233 7.87 -28.56 2.63
N VAL B 234 7.72 -27.82 1.54
CA VAL B 234 6.87 -28.23 0.43
C VAL B 234 7.35 -27.58 -0.88
N PRO B 235 7.48 -28.38 -1.95
CA PRO B 235 7.95 -27.90 -3.25
C PRO B 235 7.07 -26.82 -3.88
N LEU B 236 7.58 -25.60 -3.97
CA LEU B 236 6.88 -24.54 -4.68
C LEU B 236 7.04 -24.74 -6.18
N SER B 237 5.98 -24.45 -6.93
CA SER B 237 6.00 -24.62 -8.38
C SER B 237 7.02 -23.68 -9.02
N ASP B 238 7.44 -24.01 -10.23
CA ASP B 238 8.44 -23.21 -10.95
C ASP B 238 7.97 -21.77 -11.16
N LEU B 239 6.72 -21.60 -11.54
CA LEU B 239 6.16 -20.28 -11.79
C LEU B 239 6.11 -19.45 -10.51
N LEU B 240 5.74 -20.09 -9.40
CA LEU B 240 5.62 -19.39 -8.13
C LEU B 240 7.00 -18.97 -7.64
N LEU B 241 7.97 -19.86 -7.79
CA LEU B 241 9.35 -19.56 -7.44
C LEU B 241 9.88 -18.37 -8.23
N GLU B 242 9.56 -18.31 -9.51
CA GLU B 242 10.00 -17.21 -10.36
C GLU B 242 9.36 -15.89 -9.96
N MET B 243 8.05 -15.93 -9.69
CA MET B 243 7.35 -14.74 -9.22
C MET B 243 7.96 -14.27 -7.92
N LEU B 244 8.15 -15.22 -7.01
CA LEU B 244 8.72 -14.96 -5.70
C LEU B 244 10.10 -14.33 -5.81
N ASP B 245 10.91 -14.82 -6.75
CA ASP B 245 12.26 -14.30 -6.93
C ASP B 245 12.24 -12.95 -7.64
N ALA B 246 11.12 -12.62 -8.26
CA ALA B 246 10.98 -11.31 -8.91
C ALA B 246 10.84 -10.19 -7.88
N HIS B 247 10.62 -10.55 -6.62
CA HIS B 247 10.53 -9.56 -5.56
C HIS B 247 11.84 -9.46 -4.78
N ARG B 248 12.88 -10.07 -5.34
CA ARG B 248 14.21 -10.01 -4.74
C ARG B 248 15.29 -9.94 -5.81
N LYS C 3 11.90 -17.32 -18.84
CA LYS C 3 10.94 -16.87 -17.83
C LYS C 3 9.54 -17.33 -18.17
N ILE C 4 8.97 -18.17 -17.30
CA ILE C 4 7.65 -18.73 -17.51
C ILE C 4 6.58 -17.67 -17.80
N LEU C 5 6.51 -16.66 -16.94
CA LEU C 5 5.53 -15.59 -17.09
C LEU C 5 5.63 -14.94 -18.48
N HIS C 6 6.86 -14.70 -18.91
CA HIS C 6 7.13 -14.16 -20.24
C HIS C 6 6.54 -15.07 -21.32
N ARG C 7 6.80 -16.38 -21.22
CA ARG C 7 6.26 -17.34 -22.18
C ARG C 7 4.73 -17.33 -22.19
N LEU C 8 4.15 -17.46 -21.01
CA LEU C 8 2.70 -17.48 -20.87
C LEU C 8 2.04 -16.19 -21.37
N LEU C 9 2.74 -15.07 -21.18
CA LEU C 9 2.25 -13.81 -21.73
C LEU C 9 2.32 -13.81 -23.26
N GLN C 10 3.33 -14.46 -23.82
CA GLN C 10 3.53 -14.47 -25.27
C GLN C 10 2.42 -15.18 -26.03
N ASP C 11 2.19 -16.46 -25.71
CA ASP C 11 1.16 -17.23 -26.40
C ASP C 11 -0.25 -16.82 -25.97
N LYS D 1 2.89 -2.53 28.84
CA LYS D 1 4.35 -2.51 28.85
C LYS D 1 4.88 -1.09 28.76
N HIS D 2 6.13 -0.89 29.17
CA HIS D 2 6.74 0.42 29.02
C HIS D 2 7.03 0.68 27.55
N LYS D 3 6.65 1.85 27.08
CA LYS D 3 6.88 2.23 25.71
C LYS D 3 7.29 3.70 25.67
N ILE D 4 8.46 3.97 25.09
CA ILE D 4 8.91 5.35 24.90
C ILE D 4 7.82 6.13 24.17
N LEU D 5 7.14 5.46 23.25
CA LEU D 5 6.03 6.04 22.53
C LEU D 5 4.89 6.48 23.48
N HIS D 6 4.60 5.66 24.49
CA HIS D 6 3.59 6.05 25.48
C HIS D 6 3.92 7.39 26.13
N ARG D 7 5.18 7.55 26.53
CA ARG D 7 5.62 8.78 27.18
C ARG D 7 5.45 9.97 26.25
N LEU D 8 5.93 9.83 25.03
CA LEU D 8 5.90 10.91 24.04
C LEU D 8 4.48 11.34 23.72
N LEU D 9 3.57 10.37 23.63
CA LEU D 9 2.17 10.64 23.34
C LEU D 9 1.48 11.30 24.52
N GLN D 10 1.82 10.89 25.73
CA GLN D 10 1.21 11.45 26.92
C GLN D 10 1.74 12.85 27.21
N ASP D 11 3.03 13.06 26.91
CA ASP D 11 3.64 14.37 27.08
C ASP D 11 3.29 15.29 25.91
CP9 DES E . 15.23 4.97 9.92
CP8 DES E . 14.49 5.45 8.69
CP7 DES E . 15.32 5.28 7.43
CP6 DES E . 16.13 4.00 7.24
CP1 DES E . 15.58 2.85 6.71
CP2 DES E . 16.38 1.71 6.57
CP3 DES E . 17.71 1.74 6.98
OP3 DES E . 18.53 0.60 6.85
CP4 DES E . 18.26 2.89 7.52
CP5 DES E . 17.46 4.02 7.65
C7 DES E . 15.36 6.23 6.47
C6 DES E . 14.62 7.55 6.60
C5 DES E . 15.10 8.47 7.52
C4 DES E . 14.50 9.70 7.70
C3 DES E . 13.41 10.04 6.92
O3 DES E . 12.81 11.30 7.12
C2 DES E . 12.92 9.15 5.99
C1 DES E . 13.53 7.91 5.81
C8 DES E . 16.22 6.01 5.24
C9 DES E . 15.36 5.62 4.06
CP9 DES F . 0.94 -18.49 -2.69
CP8 DES F . -0.04 -17.43 -2.24
CP7 DES F . -0.42 -17.67 -0.78
CP6 DES F . 0.70 -17.94 0.20
CP1 DES F . 1.43 -16.90 0.75
CP2 DES F . 2.46 -17.18 1.64
CP3 DES F . 2.75 -18.50 1.97
OP3 DES F . 3.79 -18.80 2.87
CP4 DES F . 2.02 -19.54 1.42
CP5 DES F . 0.99 -19.26 0.53
C7 DES F . -1.71 -17.63 -0.37
C6 DES F . -2.86 -17.41 -1.34
C5 DES F . -3.18 -18.46 -2.19
C4 DES F . -4.23 -18.35 -3.10
C3 DES F . -4.96 -17.18 -3.16
O3 DES F . -6.01 -17.08 -4.09
C2 DES F . -4.65 -16.12 -2.31
C1 DES F . -3.61 -16.23 -1.39
C8 DES F . -2.02 -17.88 1.10
C9 DES F . -2.35 -16.58 1.79
#